data_2RPS
#
_entry.id   2RPS
#
_entity_poly.entity_id   1
_entity_poly.type   'polypeptide(L)'
_entity_poly.pdbx_seq_one_letter_code
;SVQILRCPDGMQMLRSGQCVATTEPPFDPDSY
;
_entity_poly.pdbx_strand_id   A
#
# COMPACT_ATOMS: atom_id res chain seq x y z
N SER A 1 3.28 12.35 -12.60
CA SER A 1 2.29 11.87 -11.59
C SER A 1 1.07 12.79 -11.53
N VAL A 2 0.69 13.34 -12.68
CA VAL A 2 -0.46 14.24 -12.74
C VAL A 2 -1.75 13.45 -12.95
N GLN A 3 -2.40 13.09 -11.86
CA GLN A 3 -3.65 12.34 -11.92
C GLN A 3 -4.41 12.44 -10.59
N ILE A 4 -5.66 11.99 -10.60
CA ILE A 4 -6.49 12.03 -9.40
C ILE A 4 -6.11 10.91 -8.44
N LEU A 5 -5.68 9.78 -9.00
CA LEU A 5 -5.28 8.62 -8.20
C LEU A 5 -3.92 8.87 -7.55
N ARG A 6 -2.86 8.73 -8.34
CA ARG A 6 -1.51 8.93 -7.84
C ARG A 6 -1.17 7.92 -6.74
N CYS A 7 -0.14 7.12 -6.97
CA CYS A 7 0.29 6.12 -6.01
C CYS A 7 1.79 6.25 -5.71
N PRO A 8 2.18 7.30 -4.97
CA PRO A 8 3.58 7.52 -4.62
C PRO A 8 4.20 6.34 -3.88
N ASP A 9 5.35 6.57 -3.25
CA ASP A 9 6.04 5.52 -2.52
C ASP A 9 5.14 4.94 -1.43
N GLY A 10 4.94 3.61 -1.48
CA GLY A 10 4.10 2.95 -0.50
C GLY A 10 2.92 2.25 -1.14
N MET A 11 2.47 2.78 -2.27
CA MET A 11 1.33 2.20 -2.99
C MET A 11 1.80 1.37 -4.18
N GLN A 12 1.70 0.05 -4.04
CA GLN A 12 2.11 -0.86 -5.10
C GLN A 12 0.95 -1.12 -6.07
N MET A 13 1.19 -0.86 -7.35
CA MET A 13 0.17 -1.07 -8.38
C MET A 13 0.21 -2.51 -8.89
N LEU A 14 -0.97 -3.06 -9.17
CA LEU A 14 -1.07 -4.43 -9.68
C LEU A 14 -1.31 -4.44 -11.19
N ARG A 15 -1.10 -5.60 -11.79
CA ARG A 15 -1.29 -5.75 -13.23
C ARG A 15 -2.72 -5.41 -13.63
N SER A 16 -3.66 -5.67 -12.73
CA SER A 16 -5.07 -5.40 -12.99
C SER A 16 -5.34 -3.90 -13.00
N GLY A 17 -4.60 -3.18 -12.16
CA GLY A 17 -4.78 -1.74 -12.09
C GLY A 17 -4.96 -1.25 -10.66
N GLN A 18 -5.50 -2.10 -9.81
CA GLN A 18 -5.73 -1.76 -8.40
C GLN A 18 -4.41 -1.41 -7.72
N CYS A 19 -4.48 -0.49 -6.75
CA CYS A 19 -3.29 -0.08 -6.02
C CYS A 19 -3.34 -0.59 -4.58
N VAL A 20 -2.43 -1.50 -4.25
CA VAL A 20 -2.37 -2.08 -2.91
C VAL A 20 -1.41 -1.29 -2.03
N ALA A 21 -1.96 -0.43 -1.17
CA ALA A 21 -1.16 0.37 -0.27
C ALA A 21 -0.54 -0.49 0.83
N THR A 22 0.61 -0.05 1.33
CA THR A 22 1.31 -0.78 2.39
C THR A 22 0.48 -0.77 3.68
N THR A 23 -0.52 -1.65 3.74
CA THR A 23 -1.38 -1.75 4.92
C THR A 23 -1.50 -3.19 5.38
N GLU A 24 -0.45 -3.98 5.17
CA GLU A 24 -0.45 -5.37 5.57
C GLU A 24 -0.23 -5.52 7.08
N PRO A 25 -0.83 -6.55 7.69
CA PRO A 25 -0.70 -6.79 9.13
C PRO A 25 0.68 -7.34 9.51
N PRO A 26 1.51 -6.54 10.19
CA PRO A 26 2.85 -6.96 10.60
C PRO A 26 2.81 -7.98 11.73
N PHE A 27 3.99 -8.38 12.22
CA PHE A 27 4.09 -9.35 13.30
C PHE A 27 3.40 -8.83 14.55
N ASP A 28 2.38 -9.56 15.01
CA ASP A 28 1.63 -9.18 16.20
C ASP A 28 2.55 -9.04 17.40
N PRO A 29 2.79 -7.79 17.87
CA PRO A 29 3.66 -7.53 19.03
C PRO A 29 3.29 -8.38 20.23
N ASP A 30 4.00 -8.17 21.33
CA ASP A 30 3.75 -8.92 22.56
C ASP A 30 3.97 -8.04 23.79
N SER A 31 3.71 -6.74 23.64
CA SER A 31 3.87 -5.79 24.73
C SER A 31 5.33 -5.74 25.18
N TYR A 32 5.73 -6.69 26.00
CA TYR A 32 7.11 -6.74 26.50
C TYR A 32 7.95 -7.70 25.68
N SER A 1 -0.17 18.79 -14.62
CA SER A 1 -0.66 17.41 -14.39
C SER A 1 -0.55 17.01 -12.92
N VAL A 2 -1.67 17.09 -12.21
CA VAL A 2 -1.69 16.74 -10.80
C VAL A 2 -1.93 15.25 -10.60
N GLN A 3 -1.33 14.69 -9.56
CA GLN A 3 -1.47 13.26 -9.26
C GLN A 3 -2.89 12.95 -8.80
N ILE A 4 -3.83 12.98 -9.73
CA ILE A 4 -5.23 12.70 -9.42
C ILE A 4 -5.42 11.25 -8.99
N LEU A 5 -4.58 10.37 -9.52
CA LEU A 5 -4.64 8.95 -9.19
C LEU A 5 -3.26 8.32 -9.16
N ARG A 6 -2.59 8.44 -8.01
CA ARG A 6 -1.25 7.88 -7.86
C ARG A 6 -1.11 7.17 -6.51
N CYS A 7 -0.36 6.06 -6.50
CA CYS A 7 -0.16 5.29 -5.29
C CYS A 7 1.21 5.58 -4.69
N PRO A 8 1.34 6.64 -3.88
CA PRO A 8 2.60 7.02 -3.25
C PRO A 8 3.20 5.89 -2.42
N ASP A 9 4.15 6.24 -1.57
CA ASP A 9 4.81 5.26 -0.71
C ASP A 9 3.80 4.58 0.21
N GLY A 10 3.65 3.27 0.04
CA GLY A 10 2.71 2.52 0.86
C GLY A 10 1.69 1.76 0.04
N MET A 11 1.39 2.28 -1.15
CA MET A 11 0.42 1.64 -2.03
C MET A 11 1.10 1.15 -3.31
N GLN A 12 0.90 -0.14 -3.62
CA GLN A 12 1.49 -0.73 -4.80
C GLN A 12 0.41 -1.35 -5.69
N MET A 13 0.42 -0.99 -6.98
CA MET A 13 -0.55 -1.51 -7.93
C MET A 13 -0.39 -3.02 -8.10
N LEU A 14 -1.50 -3.69 -8.38
CA LEU A 14 -1.49 -5.14 -8.57
C LEU A 14 -1.58 -5.49 -10.04
N ARG A 15 -1.35 -6.77 -10.35
CA ARG A 15 -1.40 -7.25 -11.74
C ARG A 15 -2.80 -7.03 -12.33
N SER A 16 -3.81 -7.09 -11.48
CA SER A 16 -5.19 -6.90 -11.91
C SER A 16 -5.45 -5.44 -12.28
N GLY A 17 -4.77 -4.53 -11.58
CA GLY A 17 -4.94 -3.11 -11.85
C GLY A 17 -5.18 -2.31 -10.59
N GLN A 18 -5.77 -2.95 -9.59
CA GLN A 18 -6.06 -2.28 -8.32
C GLN A 18 -4.77 -1.86 -7.62
N CYS A 19 -4.91 -1.32 -6.41
CA CYS A 19 -3.76 -0.88 -5.64
C CYS A 19 -3.89 -1.31 -4.18
N VAL A 20 -3.01 -2.22 -3.76
CA VAL A 20 -3.04 -2.72 -2.38
C VAL A 20 -1.97 -2.03 -1.54
N ALA A 21 -2.27 -1.84 -0.26
CA ALA A 21 -1.34 -1.19 0.66
C ALA A 21 -0.38 -2.20 1.27
N THR A 22 0.83 -1.75 1.57
CA THR A 22 1.85 -2.62 2.16
C THR A 22 1.76 -2.59 3.69
N THR A 23 0.77 -3.27 4.24
CA THR A 23 0.59 -3.31 5.69
C THR A 23 0.24 -4.72 6.14
N GLU A 24 0.84 -5.71 5.50
CA GLU A 24 0.61 -7.12 5.84
C GLU A 24 1.24 -7.47 7.19
N PRO A 25 2.54 -7.17 7.35
CA PRO A 25 3.25 -7.46 8.60
C PRO A 25 2.52 -6.92 9.83
N PRO A 26 2.71 -7.57 10.99
CA PRO A 26 2.06 -7.15 12.24
C PRO A 26 2.68 -5.87 12.81
N PHE A 27 1.84 -4.91 13.15
CA PHE A 27 2.30 -3.65 13.70
C PHE A 27 2.08 -3.60 15.22
N ASP A 28 2.93 -4.31 15.96
CA ASP A 28 2.82 -4.34 17.41
C ASP A 28 4.15 -4.00 18.06
N PRO A 29 4.13 -3.21 19.16
CA PRO A 29 5.34 -2.81 19.86
C PRO A 29 5.92 -3.93 20.73
N ASP A 30 5.04 -4.82 21.18
CA ASP A 30 5.45 -5.95 22.02
C ASP A 30 5.84 -7.14 21.16
N SER A 31 5.24 -7.25 19.99
CA SER A 31 5.53 -8.35 19.07
C SER A 31 5.15 -9.69 19.70
N TYR A 32 3.85 -10.00 19.69
CA TYR A 32 3.35 -11.24 20.25
C TYR A 32 2.09 -11.69 19.53
N SER A 1 2.16 18.40 -13.34
CA SER A 1 2.61 16.99 -13.54
C SER A 1 1.98 16.06 -12.51
N VAL A 2 0.74 15.66 -12.77
CA VAL A 2 0.02 14.77 -11.86
C VAL A 2 0.32 13.31 -12.18
N GLN A 3 0.26 12.47 -11.15
CA GLN A 3 0.53 11.04 -11.33
C GLN A 3 -0.66 10.34 -11.99
N ILE A 4 -0.40 9.72 -13.13
CA ILE A 4 -1.44 9.01 -13.86
C ILE A 4 -1.32 7.50 -13.68
N LEU A 5 -0.83 7.09 -12.52
CA LEU A 5 -0.66 5.67 -12.22
C LEU A 5 -0.13 5.48 -10.80
N ARG A 6 -0.99 5.69 -9.81
CA ARG A 6 -0.62 5.54 -8.41
C ARG A 6 -1.81 5.75 -7.50
N CYS A 7 -1.96 4.89 -6.51
CA CYS A 7 -3.06 4.98 -5.56
C CYS A 7 -2.77 6.03 -4.49
N PRO A 8 -3.81 6.48 -3.77
CA PRO A 8 -3.66 7.49 -2.72
C PRO A 8 -2.58 7.12 -1.71
N ASP A 9 -2.36 8.00 -0.73
CA ASP A 9 -1.35 7.76 0.30
C ASP A 9 -1.72 6.56 1.17
N GLY A 10 -0.89 5.53 1.12
CA GLY A 10 -1.14 4.34 1.91
C GLY A 10 -1.45 3.13 1.05
N MET A 11 -1.88 3.36 -0.18
CA MET A 11 -2.22 2.27 -1.10
C MET A 11 -1.49 2.43 -2.42
N GLN A 12 -1.38 1.33 -3.16
CA GLN A 12 -0.70 1.33 -4.46
C GLN A 12 -1.55 0.63 -5.51
N MET A 13 -1.48 1.13 -6.74
CA MET A 13 -2.24 0.56 -7.85
C MET A 13 -1.70 -0.83 -8.22
N LEU A 14 -2.59 -1.82 -8.23
CA LEU A 14 -2.22 -3.18 -8.55
C LEU A 14 -2.33 -3.44 -10.06
N ARG A 15 -1.83 -4.59 -10.50
CA ARG A 15 -1.88 -4.94 -11.91
C ARG A 15 -3.32 -4.94 -12.43
N SER A 16 -4.26 -5.26 -11.55
CA SER A 16 -5.67 -5.29 -11.91
C SER A 16 -6.28 -3.89 -11.86
N GLY A 17 -5.73 -3.04 -10.99
CA GLY A 17 -6.24 -1.69 -10.86
C GLY A 17 -6.66 -1.35 -9.44
N GLN A 18 -7.04 -2.38 -8.68
CA GLN A 18 -7.46 -2.18 -7.29
C GLN A 18 -6.33 -1.61 -6.46
N CYS A 19 -6.68 -0.79 -5.47
CA CYS A 19 -5.70 -0.18 -4.59
C CYS A 19 -5.39 -1.09 -3.40
N VAL A 20 -4.13 -1.53 -3.32
CA VAL A 20 -3.72 -2.40 -2.22
C VAL A 20 -2.99 -1.61 -1.14
N ALA A 21 -3.29 -1.94 0.12
CA ALA A 21 -2.66 -1.26 1.25
C ALA A 21 -1.19 -1.61 1.35
N THR A 22 -0.33 -0.71 0.88
CA THR A 22 1.11 -0.92 0.91
C THR A 22 1.70 -0.39 2.22
N THR A 23 1.20 -0.89 3.35
CA THR A 23 1.69 -0.47 4.66
C THR A 23 1.33 -1.48 5.72
N GLU A 24 1.27 -2.75 5.33
CA GLU A 24 0.95 -3.83 6.25
C GLU A 24 2.08 -4.06 7.25
N PRO A 25 1.86 -3.75 8.54
CA PRO A 25 2.89 -3.92 9.57
C PRO A 25 3.10 -5.39 9.94
N PRO A 26 4.27 -5.96 9.59
CA PRO A 26 4.58 -7.36 9.89
C PRO A 26 4.99 -7.57 11.34
N PHE A 27 4.96 -8.82 11.79
CA PHE A 27 5.33 -9.14 13.16
C PHE A 27 4.43 -8.42 14.16
N ASP A 28 4.35 -8.96 15.37
CA ASP A 28 3.53 -8.37 16.41
C ASP A 28 4.30 -7.30 17.18
N PRO A 29 3.61 -6.55 18.06
CA PRO A 29 4.24 -5.50 18.86
C PRO A 29 5.03 -6.04 20.04
N ASP A 30 5.42 -5.15 20.95
CA ASP A 30 6.18 -5.55 22.12
C ASP A 30 5.42 -6.56 22.95
N SER A 31 4.09 -6.46 22.94
CA SER A 31 3.24 -7.37 23.70
C SER A 31 3.24 -8.75 23.07
N TYR A 32 3.41 -9.78 23.90
CA TYR A 32 3.43 -11.16 23.42
C TYR A 32 2.05 -11.58 22.93
N SER A 1 -4.32 20.50 -14.61
CA SER A 1 -4.88 19.43 -13.76
C SER A 1 -3.79 18.75 -12.94
N VAL A 2 -4.17 17.69 -12.23
CA VAL A 2 -3.22 16.96 -11.40
C VAL A 2 -3.63 15.49 -11.26
N GLN A 3 -2.65 14.63 -10.98
CA GLN A 3 -2.91 13.21 -10.83
C GLN A 3 -3.49 12.91 -9.44
N ILE A 4 -4.72 12.40 -9.41
CA ILE A 4 -5.38 12.06 -8.17
C ILE A 4 -5.46 10.55 -7.97
N LEU A 5 -4.48 9.84 -8.50
CA LEU A 5 -4.44 8.39 -8.38
C LEU A 5 -3.00 7.88 -8.44
N ARG A 6 -2.11 8.53 -7.71
CA ARG A 6 -0.70 8.15 -7.68
C ARG A 6 -0.46 7.03 -6.68
N CYS A 7 0.65 6.32 -6.84
CA CYS A 7 0.99 5.21 -5.95
C CYS A 7 2.45 5.29 -5.53
N PRO A 8 2.82 6.33 -4.76
CA PRO A 8 4.19 6.53 -4.29
C PRO A 8 4.72 5.31 -3.55
N ASP A 9 5.88 5.48 -2.90
CA ASP A 9 6.50 4.39 -2.14
C ASP A 9 5.56 3.87 -1.06
N GLY A 10 4.98 2.69 -1.28
CA GLY A 10 4.08 2.12 -0.31
C GLY A 10 2.91 1.40 -0.97
N MET A 11 2.54 1.85 -2.16
CA MET A 11 1.43 1.25 -2.89
C MET A 11 1.95 0.42 -4.07
N GLN A 12 1.79 -0.89 -3.98
CA GLN A 12 2.24 -1.79 -5.04
C GLN A 12 1.19 -1.91 -6.14
N MET A 13 1.62 -1.69 -7.37
CA MET A 13 0.71 -1.77 -8.51
C MET A 13 0.43 -3.22 -8.89
N LEU A 14 -0.83 -3.53 -9.17
CA LEU A 14 -1.23 -4.88 -9.54
C LEU A 14 -1.31 -5.03 -11.05
N ARG A 15 -1.32 -6.28 -11.51
CA ARG A 15 -1.39 -6.57 -12.94
C ARG A 15 -2.65 -5.97 -13.55
N SER A 16 -3.70 -5.90 -12.76
CA SER A 16 -4.98 -5.35 -13.22
C SER A 16 -4.92 -3.82 -13.28
N GLY A 17 -4.14 -3.23 -12.38
CA GLY A 17 -4.02 -1.79 -12.35
C GLY A 17 -4.18 -1.22 -10.96
N GLN A 18 -4.94 -1.93 -10.11
CA GLN A 18 -5.18 -1.49 -8.75
C GLN A 18 -3.87 -1.36 -7.98
N CYS A 19 -3.95 -0.80 -6.78
CA CYS A 19 -2.77 -0.63 -5.94
C CYS A 19 -2.99 -1.22 -4.55
N VAL A 20 -2.13 -2.17 -4.18
CA VAL A 20 -2.23 -2.83 -2.87
C VAL A 20 -1.25 -2.22 -1.88
N ALA A 21 -1.77 -1.66 -0.80
CA ALA A 21 -0.94 -1.06 0.23
C ALA A 21 -0.03 -2.10 0.88
N THR A 22 1.21 -1.70 1.17
CA THR A 22 2.17 -2.59 1.79
C THR A 22 2.03 -2.57 3.30
N THR A 23 0.83 -2.88 3.79
CA THR A 23 0.56 -2.90 5.22
C THR A 23 0.15 -4.30 5.68
N GLU A 24 0.69 -5.32 5.01
CA GLU A 24 0.38 -6.70 5.34
C GLU A 24 0.87 -7.05 6.74
N PRO A 25 2.12 -6.70 7.07
CA PRO A 25 2.70 -6.99 8.39
C PRO A 25 1.77 -6.61 9.54
N PRO A 26 1.12 -7.61 10.17
CA PRO A 26 0.19 -7.36 11.29
C PRO A 26 0.87 -6.64 12.44
N PHE A 27 0.27 -6.72 13.62
CA PHE A 27 0.80 -6.08 14.81
C PHE A 27 1.80 -6.99 15.51
N ASP A 28 3.07 -6.58 15.54
CA ASP A 28 4.11 -7.37 16.19
C ASP A 28 3.80 -7.57 17.68
N PRO A 29 3.55 -6.48 18.41
CA PRO A 29 3.25 -6.55 19.85
C PRO A 29 2.14 -7.55 20.15
N ASP A 30 2.53 -8.78 20.46
CA ASP A 30 1.57 -9.83 20.77
C ASP A 30 1.21 -9.82 22.26
N SER A 31 2.17 -9.45 23.09
CA SER A 31 1.96 -9.39 24.54
C SER A 31 3.16 -8.75 25.24
N TYR A 32 3.76 -7.76 24.58
CA TYR A 32 4.91 -7.07 25.14
C TYR A 32 5.05 -5.67 24.55
N SER A 1 6.02 10.25 -15.96
CA SER A 1 4.56 10.31 -16.24
C SER A 1 3.78 10.80 -15.01
N VAL A 2 2.98 11.83 -15.21
CA VAL A 2 2.17 12.39 -14.13
C VAL A 2 0.91 11.57 -13.90
N GLN A 3 0.34 11.69 -12.70
CA GLN A 3 -0.87 10.97 -12.35
C GLN A 3 -1.69 11.73 -11.32
N ILE A 4 -2.92 11.28 -11.09
CA ILE A 4 -3.80 11.92 -10.12
C ILE A 4 -4.51 10.89 -9.25
N LEU A 5 -3.83 9.78 -9.00
CA LEU A 5 -4.39 8.71 -8.18
C LEU A 5 -3.96 8.86 -6.72
N ARG A 6 -2.75 9.38 -6.52
CA ARG A 6 -2.21 9.58 -5.18
C ARG A 6 -2.17 8.26 -4.42
N CYS A 7 -0.98 7.67 -4.34
CA CYS A 7 -0.79 6.40 -3.64
C CYS A 7 0.51 6.41 -2.85
N PRO A 8 0.61 7.26 -1.82
CA PRO A 8 1.81 7.37 -0.98
C PRO A 8 2.22 6.03 -0.37
N ASP A 9 3.12 6.07 0.60
CA ASP A 9 3.59 4.87 1.27
C ASP A 9 2.43 4.05 1.84
N GLY A 10 2.42 2.76 1.56
CA GLY A 10 1.36 1.90 2.05
C GLY A 10 0.43 1.43 0.94
N MET A 11 0.31 2.24 -0.10
CA MET A 11 -0.56 1.90 -1.23
C MET A 11 0.26 1.81 -2.51
N GLN A 12 0.39 0.61 -3.04
CA GLN A 12 1.15 0.39 -4.27
C GLN A 12 0.23 -0.10 -5.39
N MET A 13 0.52 0.33 -6.61
CA MET A 13 -0.27 -0.06 -7.77
C MET A 13 0.13 -1.45 -8.26
N LEU A 14 -0.85 -2.20 -8.76
CA LEU A 14 -0.60 -3.55 -9.26
C LEU A 14 -0.62 -3.57 -10.79
N ARG A 15 -0.42 -4.76 -11.35
CA ARG A 15 -0.41 -4.92 -12.80
C ARG A 15 -1.74 -4.50 -13.41
N SER A 16 -2.83 -4.77 -12.69
CA SER A 16 -4.17 -4.42 -13.16
C SER A 16 -4.34 -2.91 -13.22
N GLY A 17 -3.64 -2.19 -12.35
CA GLY A 17 -3.73 -0.74 -12.33
C GLY A 17 -4.20 -0.21 -10.99
N GLN A 18 -5.04 -0.99 -10.31
CA GLN A 18 -5.56 -0.59 -9.01
C GLN A 18 -4.44 -0.40 -8.01
N CYS A 19 -4.77 0.16 -6.85
CA CYS A 19 -3.79 0.40 -5.79
C CYS A 19 -4.06 -0.48 -4.58
N VAL A 20 -3.23 -1.51 -4.41
CA VAL A 20 -3.38 -2.42 -3.28
C VAL A 20 -2.50 -2.00 -2.10
N ALA A 21 -2.97 -2.26 -0.88
CA ALA A 21 -2.24 -1.91 0.32
C ALA A 21 -1.30 -3.03 0.73
N THR A 22 -0.04 -2.68 0.95
CA THR A 22 0.97 -3.66 1.35
C THR A 22 1.04 -3.77 2.88
N THR A 23 -0.12 -3.95 3.51
CA THR A 23 -0.18 -4.07 4.96
C THR A 23 -1.48 -4.73 5.39
N GLU A 24 -1.69 -5.97 4.94
CA GLU A 24 -2.90 -6.72 5.26
C GLU A 24 -2.86 -7.21 6.71
N PRO A 25 -1.86 -8.06 7.05
CA PRO A 25 -1.72 -8.61 8.40
C PRO A 25 -1.24 -7.57 9.41
N PRO A 26 -2.10 -7.13 10.33
CA PRO A 26 -1.75 -6.14 11.35
C PRO A 26 -0.81 -6.70 12.40
N PHE A 27 -0.76 -6.05 13.56
CA PHE A 27 0.10 -6.48 14.66
C PHE A 27 1.56 -6.56 14.22
N ASP A 28 2.35 -5.57 14.62
CA ASP A 28 3.76 -5.52 14.28
C ASP A 28 4.56 -6.52 15.12
N PRO A 29 5.67 -7.03 14.56
CA PRO A 29 6.52 -8.00 15.27
C PRO A 29 7.34 -7.35 16.39
N ASP A 30 8.01 -8.18 17.18
CA ASP A 30 8.84 -7.69 18.28
C ASP A 30 8.00 -6.85 19.24
N SER A 31 7.22 -7.52 20.08
CA SER A 31 6.37 -6.83 21.05
C SER A 31 6.93 -7.01 22.47
N TYR A 32 6.23 -6.43 23.44
CA TYR A 32 6.65 -6.51 24.83
C TYR A 32 5.63 -5.83 25.75
N SER A 1 8.07 11.60 -12.68
CA SER A 1 7.40 12.93 -12.70
C SER A 1 6.22 12.94 -13.66
N VAL A 2 5.32 11.97 -13.50
CA VAL A 2 4.15 11.86 -14.35
C VAL A 2 2.98 11.23 -13.60
N GLN A 3 2.16 12.06 -12.99
CA GLN A 3 1.00 11.60 -12.24
C GLN A 3 -0.18 11.32 -13.16
N ILE A 4 -0.57 10.05 -13.26
CA ILE A 4 -1.68 9.66 -14.11
C ILE A 4 -2.88 9.21 -13.29
N LEU A 5 -2.65 8.92 -12.01
CA LEU A 5 -3.71 8.47 -11.12
C LEU A 5 -3.47 8.95 -9.69
N ARG A 6 -2.37 8.47 -9.11
CA ARG A 6 -2.00 8.84 -7.74
C ARG A 6 -3.07 8.38 -6.76
N CYS A 7 -2.71 7.44 -5.90
CA CYS A 7 -3.64 6.91 -4.90
C CYS A 7 -3.54 7.69 -3.60
N PRO A 8 -4.56 7.56 -2.72
CA PRO A 8 -4.58 8.26 -1.43
C PRO A 8 -3.30 8.08 -0.65
N ASP A 9 -3.25 8.68 0.54
CA ASP A 9 -2.08 8.58 1.41
C ASP A 9 -1.90 7.16 1.94
N GLY A 10 -0.88 6.47 1.45
CA GLY A 10 -0.62 5.11 1.87
C GLY A 10 -1.35 4.08 1.03
N MET A 11 -1.79 4.49 -0.16
CA MET A 11 -2.51 3.60 -1.05
C MET A 11 -1.70 3.35 -2.33
N GLN A 12 -1.43 2.08 -2.61
CA GLN A 12 -0.66 1.70 -3.79
C GLN A 12 -1.44 0.71 -4.65
N MET A 13 -1.45 0.96 -5.96
CA MET A 13 -2.15 0.10 -6.90
C MET A 13 -1.39 -1.21 -7.11
N LEU A 14 -2.13 -2.29 -7.32
CA LEU A 14 -1.54 -3.60 -7.54
C LEU A 14 -1.68 -4.02 -9.00
N ARG A 15 -1.09 -5.17 -9.33
CA ARG A 15 -1.16 -5.70 -10.69
C ARG A 15 -2.60 -5.93 -11.12
N SER A 16 -3.45 -6.26 -10.16
CA SER A 16 -4.86 -6.52 -10.43
C SER A 16 -5.57 -5.23 -10.87
N GLY A 17 -5.16 -4.12 -10.29
CA GLY A 17 -5.76 -2.84 -10.63
C GLY A 17 -6.26 -2.09 -9.41
N GLN A 18 -6.65 -2.82 -8.38
CA GLN A 18 -7.13 -2.21 -7.15
C GLN A 18 -6.01 -1.52 -6.40
N CYS A 19 -6.37 -0.73 -5.38
CA CYS A 19 -5.39 -0.01 -4.58
C CYS A 19 -5.46 -0.44 -3.11
N VAL A 20 -4.44 -1.15 -2.66
CA VAL A 20 -4.39 -1.62 -1.28
C VAL A 20 -3.49 -0.72 -0.43
N ALA A 21 -3.73 -0.72 0.87
CA ALA A 21 -2.95 0.10 1.80
C ALA A 21 -1.56 -0.49 2.01
N THR A 22 -0.57 0.37 2.13
CA THR A 22 0.81 -0.07 2.35
C THR A 22 0.95 -0.80 3.68
N THR A 23 0.58 -2.07 3.68
CA THR A 23 0.67 -2.89 4.89
C THR A 23 1.19 -4.29 4.57
N GLU A 24 2.19 -4.36 3.69
CA GLU A 24 2.76 -5.64 3.29
C GLU A 24 3.27 -6.41 4.51
N PRO A 25 4.23 -5.84 5.25
CA PRO A 25 4.80 -6.49 6.44
C PRO A 25 3.81 -6.55 7.60
N PRO A 26 3.34 -7.76 7.96
CA PRO A 26 2.38 -7.94 9.06
C PRO A 26 2.84 -7.26 10.34
N PHE A 27 2.06 -7.43 11.41
CA PHE A 27 2.38 -6.84 12.70
C PHE A 27 3.42 -7.68 13.45
N ASP A 28 3.87 -7.18 14.58
CA ASP A 28 4.85 -7.87 15.39
C ASP A 28 4.34 -9.26 15.82
N PRO A 29 5.25 -10.15 16.22
CA PRO A 29 4.88 -11.51 16.66
C PRO A 29 3.75 -11.51 17.68
N ASP A 30 4.01 -10.87 18.83
CA ASP A 30 3.02 -10.79 19.89
C ASP A 30 3.09 -9.44 20.59
N SER A 31 3.50 -8.42 19.86
CA SER A 31 3.62 -7.07 20.42
C SER A 31 4.55 -7.05 21.63
N TYR A 32 5.84 -7.22 21.38
CA TYR A 32 6.84 -7.23 22.45
C TYR A 32 7.47 -5.84 22.61
N SER A 1 -7.12 12.24 -19.16
CA SER A 1 -6.94 12.71 -17.76
C SER A 1 -5.49 12.63 -17.33
N VAL A 2 -4.99 13.72 -16.76
CA VAL A 2 -3.60 13.78 -16.30
C VAL A 2 -3.33 12.73 -15.24
N GLN A 3 -2.06 12.37 -15.06
CA GLN A 3 -1.67 11.37 -14.07
C GLN A 3 -2.08 11.82 -12.67
N ILE A 4 -3.16 11.23 -12.16
CA ILE A 4 -3.66 11.55 -10.84
C ILE A 4 -3.78 10.30 -9.97
N LEU A 5 -2.76 9.44 -10.04
CA LEU A 5 -2.74 8.21 -9.26
C LEU A 5 -2.30 8.49 -7.84
N ARG A 6 -1.07 8.96 -7.68
CA ARG A 6 -0.52 9.28 -6.37
C ARG A 6 -0.56 8.04 -5.45
N CYS A 7 0.52 7.28 -5.45
CA CYS A 7 0.62 6.09 -4.62
C CYS A 7 2.04 5.93 -4.05
N PRO A 8 2.46 6.87 -3.19
CA PRO A 8 3.79 6.83 -2.58
C PRO A 8 3.99 5.61 -1.69
N ASP A 9 4.94 5.71 -0.76
CA ASP A 9 5.23 4.61 0.17
C ASP A 9 3.96 4.16 0.88
N GLY A 10 3.74 2.85 0.91
CA GLY A 10 2.55 2.30 1.56
C GLY A 10 1.59 1.68 0.57
N MET A 11 1.60 2.18 -0.66
CA MET A 11 0.72 1.66 -1.69
C MET A 11 1.50 1.36 -2.97
N GLN A 12 1.15 0.26 -3.63
CA GLN A 12 1.84 -0.14 -4.86
C GLN A 12 0.86 -0.73 -5.87
N MET A 13 1.23 -0.69 -7.15
CA MET A 13 0.40 -1.22 -8.21
C MET A 13 0.12 -2.70 -8.00
N LEU A 14 -0.87 -3.22 -8.72
CA LEU A 14 -1.24 -4.63 -8.62
C LEU A 14 -1.42 -5.24 -10.01
N ARG A 15 -1.67 -6.55 -10.03
CA ARG A 15 -1.88 -7.25 -11.30
C ARG A 15 -3.04 -6.66 -12.08
N SER A 16 -4.01 -6.11 -11.36
CA SER A 16 -5.18 -5.50 -11.99
C SER A 16 -4.80 -4.22 -12.70
N GLY A 17 -3.88 -3.47 -12.12
CA GLY A 17 -3.44 -2.21 -12.71
C GLY A 17 -3.44 -1.06 -11.73
N GLN A 18 -4.35 -1.11 -10.76
CA GLN A 18 -4.45 -0.07 -9.75
C GLN A 18 -3.48 -0.31 -8.61
N CYS A 19 -3.21 0.73 -7.83
CA CYS A 19 -2.28 0.62 -6.70
C CYS A 19 -3.04 0.66 -5.37
N VAL A 20 -2.92 -0.42 -4.60
CA VAL A 20 -3.59 -0.51 -3.31
C VAL A 20 -2.62 -0.20 -2.17
N ALA A 21 -3.17 0.19 -1.02
CA ALA A 21 -2.35 0.51 0.14
C ALA A 21 -2.13 -0.73 1.00
N THR A 22 -0.92 -1.28 0.92
CA THR A 22 -0.56 -2.48 1.68
C THR A 22 -0.74 -2.24 3.18
N THR A 23 -1.91 -2.59 3.70
CA THR A 23 -2.21 -2.42 5.11
C THR A 23 -2.00 -3.71 5.88
N GLU A 24 -1.04 -4.52 5.43
CA GLU A 24 -0.73 -5.79 6.08
C GLU A 24 -0.16 -5.56 7.48
N PRO A 25 -0.49 -6.44 8.43
CA PRO A 25 -0.01 -6.33 9.81
C PRO A 25 1.48 -6.65 9.93
N PRO A 26 2.32 -5.64 10.22
CA PRO A 26 3.76 -5.84 10.36
C PRO A 26 4.13 -6.51 11.68
N PHE A 27 5.42 -6.53 11.99
CA PHE A 27 5.90 -7.14 13.23
C PHE A 27 5.36 -6.41 14.44
N ASP A 28 4.16 -6.79 14.88
CA ASP A 28 3.54 -6.16 16.04
C ASP A 28 4.41 -6.28 17.27
N PRO A 29 4.13 -5.49 18.32
CA PRO A 29 4.90 -5.51 19.57
C PRO A 29 5.04 -6.93 20.13
N ASP A 30 3.90 -7.53 20.47
CA ASP A 30 3.89 -8.88 21.02
C ASP A 30 4.73 -8.96 22.29
N SER A 31 4.16 -8.47 23.40
CA SER A 31 4.85 -8.49 24.68
C SER A 31 5.20 -9.91 25.10
N TYR A 32 6.49 -10.17 25.32
CA TYR A 32 6.97 -11.49 25.73
C TYR A 32 6.32 -12.59 24.90
N SER A 1 -1.61 17.76 -13.74
CA SER A 1 -2.55 16.80 -13.09
C SER A 1 -1.87 15.47 -12.81
N VAL A 2 -2.38 14.74 -11.81
CA VAL A 2 -1.83 13.44 -11.45
C VAL A 2 -2.43 12.33 -12.29
N GLN A 3 -1.73 11.20 -12.36
CA GLN A 3 -2.20 10.05 -13.13
C GLN A 3 -2.72 8.95 -12.20
N ILE A 4 -2.95 7.77 -12.77
CA ILE A 4 -3.44 6.64 -12.01
C ILE A 4 -2.40 6.15 -11.00
N LEU A 5 -1.16 6.60 -11.15
CA LEU A 5 -0.09 6.22 -10.24
C LEU A 5 -0.09 7.07 -8.98
N ARG A 6 -1.22 7.06 -8.28
CA ARG A 6 -1.36 7.83 -7.05
C ARG A 6 -1.08 6.97 -5.82
N CYS A 7 -0.19 6.00 -5.97
CA CYS A 7 0.16 5.11 -4.87
C CYS A 7 1.63 5.27 -4.49
N PRO A 8 1.95 6.32 -3.71
CA PRO A 8 3.32 6.59 -3.28
C PRO A 8 3.91 5.46 -2.45
N ASP A 9 5.02 5.76 -1.78
CA ASP A 9 5.70 4.77 -0.94
C ASP A 9 4.78 4.29 0.18
N GLY A 10 4.29 3.07 0.05
CA GLY A 10 3.41 2.50 1.06
C GLY A 10 2.28 1.69 0.46
N MET A 11 1.92 2.00 -0.79
CA MET A 11 0.86 1.29 -1.46
C MET A 11 1.26 0.93 -2.89
N GLN A 12 0.93 -0.30 -3.29
CA GLN A 12 1.27 -0.78 -4.63
C GLN A 12 0.01 -1.22 -5.38
N MET A 13 -0.09 -0.82 -6.64
CA MET A 13 -1.24 -1.18 -7.46
C MET A 13 -1.07 -2.58 -8.05
N LEU A 14 -2.19 -3.28 -8.22
CA LEU A 14 -2.17 -4.63 -8.77
C LEU A 14 -2.66 -4.64 -10.22
N ARG A 15 -2.54 -5.80 -10.86
CA ARG A 15 -2.97 -5.94 -12.26
C ARG A 15 -4.46 -5.64 -12.40
N SER A 16 -5.23 -5.96 -11.35
CA SER A 16 -6.67 -5.73 -11.37
C SER A 16 -6.98 -4.24 -11.49
N GLY A 17 -6.15 -3.41 -10.86
CA GLY A 17 -6.34 -1.98 -10.93
C GLY A 17 -6.36 -1.34 -9.55
N GLN A 18 -6.84 -2.09 -8.55
CA GLN A 18 -6.90 -1.59 -7.19
C GLN A 18 -5.50 -1.42 -6.60
N CYS A 19 -5.42 -0.75 -5.46
CA CYS A 19 -4.15 -0.51 -4.80
C CYS A 19 -4.20 -0.96 -3.34
N VAL A 20 -3.31 -1.87 -2.96
CA VAL A 20 -3.25 -2.38 -1.61
C VAL A 20 -2.14 -1.69 -0.80
N ALA A 21 -2.49 -1.24 0.40
CA ALA A 21 -1.52 -0.57 1.27
C ALA A 21 -0.71 -1.57 2.06
N THR A 22 0.62 -1.53 1.89
CA THR A 22 1.52 -2.43 2.59
C THR A 22 1.95 -1.84 3.93
N THR A 23 1.03 -1.20 4.64
CA THR A 23 1.33 -0.60 5.93
C THR A 23 0.05 -0.37 6.74
N GLU A 24 -0.93 -1.24 6.53
CA GLU A 24 -2.20 -1.12 7.24
C GLU A 24 -2.07 -1.57 8.69
N PRO A 25 -1.68 -2.84 8.91
CA PRO A 25 -1.51 -3.39 10.27
C PRO A 25 -0.26 -2.86 10.95
N PRO A 26 -0.26 -2.82 12.29
CA PRO A 26 0.89 -2.33 13.07
C PRO A 26 2.07 -3.31 13.03
N PHE A 27 3.15 -2.94 13.70
CA PHE A 27 4.35 -3.79 13.74
C PHE A 27 5.27 -3.36 14.87
N ASP A 28 4.68 -2.91 15.97
CA ASP A 28 5.45 -2.47 17.13
C ASP A 28 5.84 -3.66 18.01
N PRO A 29 4.85 -4.48 18.41
CA PRO A 29 5.10 -5.65 19.26
C PRO A 29 6.16 -6.58 18.67
N ASP A 30 6.30 -7.77 19.26
CA ASP A 30 7.27 -8.74 18.79
C ASP A 30 6.91 -10.14 19.27
N SER A 31 6.56 -10.25 20.55
CA SER A 31 6.19 -11.53 21.14
C SER A 31 5.43 -11.32 22.44
N TYR A 32 4.16 -11.73 22.45
CA TYR A 32 3.33 -11.61 23.63
C TYR A 32 3.92 -12.38 24.81
N SER A 1 2.06 19.12 -14.21
CA SER A 1 2.12 17.93 -13.32
C SER A 1 0.75 17.30 -13.15
N VAL A 2 0.36 16.45 -14.10
CA VAL A 2 -0.93 15.79 -14.06
C VAL A 2 -0.85 14.50 -13.23
N GLN A 3 -1.93 14.18 -12.53
CA GLN A 3 -1.98 12.98 -11.70
C GLN A 3 -2.49 11.79 -12.51
N ILE A 4 -1.57 10.94 -12.95
CA ILE A 4 -1.92 9.75 -13.72
C ILE A 4 -1.69 8.48 -12.91
N LEU A 5 -0.79 8.54 -11.94
CA LEU A 5 -0.48 7.40 -11.09
C LEU A 5 -0.80 7.70 -9.63
N ARG A 6 -2.08 7.74 -9.31
CA ARG A 6 -2.51 8.01 -7.94
C ARG A 6 -2.14 6.87 -7.00
N CYS A 7 -0.83 6.72 -6.75
CA CYS A 7 -0.34 5.67 -5.87
C CYS A 7 1.04 6.03 -5.32
N PRO A 8 1.09 6.85 -4.26
CA PRO A 8 2.35 7.28 -3.64
C PRO A 8 3.17 6.10 -3.13
N ASP A 9 4.17 6.42 -2.32
CA ASP A 9 5.05 5.39 -1.75
C ASP A 9 4.27 4.46 -0.83
N GLY A 10 4.37 3.16 -1.09
CA GLY A 10 3.67 2.18 -0.29
C GLY A 10 2.40 1.68 -0.95
N MET A 11 1.88 2.48 -1.87
CA MET A 11 0.65 2.11 -2.58
C MET A 11 0.97 1.63 -3.99
N GLN A 12 0.73 0.34 -4.24
CA GLN A 12 0.98 -0.25 -5.55
C GLN A 12 -0.32 -0.58 -6.26
N MET A 13 -0.35 -0.34 -7.56
CA MET A 13 -1.54 -0.62 -8.36
C MET A 13 -1.81 -2.12 -8.43
N LEU A 14 -3.08 -2.48 -8.60
CA LEU A 14 -3.47 -3.89 -8.68
C LEU A 14 -3.77 -4.28 -10.12
N ARG A 15 -3.86 -5.59 -10.37
CA ARG A 15 -4.15 -6.09 -11.70
C ARG A 15 -5.47 -5.54 -12.23
N SER A 16 -6.41 -5.29 -11.31
CA SER A 16 -7.71 -4.76 -11.68
C SER A 16 -7.61 -3.26 -12.00
N GLY A 17 -6.70 -2.58 -11.32
CA GLY A 17 -6.53 -1.16 -11.54
C GLY A 17 -6.52 -0.36 -10.25
N GLN A 18 -7.17 -0.90 -9.22
CA GLN A 18 -7.22 -0.23 -7.93
C GLN A 18 -5.82 -0.04 -7.34
N CYS A 19 -5.74 0.72 -6.26
CA CYS A 19 -4.47 0.99 -5.60
C CYS A 19 -4.44 0.36 -4.21
N VAL A 20 -3.61 -0.67 -4.05
CA VAL A 20 -3.48 -1.35 -2.76
C VAL A 20 -2.25 -0.89 -2.00
N ALA A 21 -2.36 -0.82 -0.68
CA ALA A 21 -1.24 -0.39 0.15
C ALA A 21 -0.53 -1.59 0.77
N THR A 22 0.80 -1.59 0.67
CA THR A 22 1.61 -2.68 1.21
C THR A 22 1.96 -2.42 2.68
N THR A 23 1.01 -2.71 3.56
CA THR A 23 1.21 -2.51 4.99
C THR A 23 1.29 -3.84 5.72
N GLU A 24 2.36 -4.59 5.46
CA GLU A 24 2.55 -5.90 6.09
C GLU A 24 2.51 -5.78 7.61
N PRO A 25 1.70 -6.61 8.28
CA PRO A 25 1.58 -6.60 9.74
C PRO A 25 2.94 -6.55 10.44
N PRO A 26 3.02 -5.89 11.60
CA PRO A 26 4.27 -5.78 12.37
C PRO A 26 4.63 -7.08 13.07
N PHE A 27 5.60 -7.01 13.98
CA PHE A 27 6.04 -8.18 14.72
C PHE A 27 4.90 -8.75 15.56
N ASP A 28 5.19 -9.80 16.31
CA ASP A 28 4.19 -10.44 17.16
C ASP A 28 4.47 -10.14 18.65
N PRO A 29 3.41 -10.06 19.46
CA PRO A 29 3.54 -9.78 20.90
C PRO A 29 4.13 -10.96 21.66
N ASP A 30 4.17 -10.83 22.99
CA ASP A 30 4.70 -11.90 23.84
C ASP A 30 4.37 -11.63 25.30
N SER A 31 4.53 -10.39 25.73
CA SER A 31 4.25 -10.00 27.10
C SER A 31 2.91 -9.27 27.21
N TYR A 32 2.61 -8.46 26.19
CA TYR A 32 1.37 -7.72 26.17
C TYR A 32 0.33 -8.39 25.28
N SER A 1 -9.44 12.11 -16.13
CA SER A 1 -9.79 11.07 -15.11
C SER A 1 -8.64 10.85 -14.14
N VAL A 2 -8.74 11.44 -12.96
CA VAL A 2 -7.70 11.31 -11.95
C VAL A 2 -6.36 11.81 -12.45
N GLN A 3 -5.46 12.15 -11.52
CA GLN A 3 -4.15 12.65 -11.87
C GLN A 3 -3.15 11.51 -12.00
N ILE A 4 -1.87 11.87 -12.12
CA ILE A 4 -0.81 10.88 -12.23
C ILE A 4 0.41 11.27 -11.40
N LEU A 5 0.19 11.51 -10.11
CA LEU A 5 1.27 11.89 -9.21
C LEU A 5 1.79 10.68 -8.44
N ARG A 6 1.72 9.51 -9.05
CA ARG A 6 2.19 8.29 -8.42
C ARG A 6 1.46 8.03 -7.11
N CYS A 7 1.53 6.79 -6.62
CA CYS A 7 0.88 6.42 -5.38
C CYS A 7 1.79 6.66 -4.18
N PRO A 8 1.57 7.77 -3.43
CA PRO A 8 2.39 8.10 -2.27
C PRO A 8 2.41 6.99 -1.22
N ASP A 9 2.89 7.31 -0.03
CA ASP A 9 2.97 6.35 1.05
C ASP A 9 1.59 5.84 1.43
N GLY A 10 1.40 4.53 1.33
CA GLY A 10 0.11 3.92 1.65
C GLY A 10 -0.54 3.25 0.46
N MET A 11 -0.19 3.71 -0.74
CA MET A 11 -0.74 3.13 -1.96
C MET A 11 0.36 2.53 -2.83
N GLN A 12 0.12 1.31 -3.30
CA GLN A 12 1.10 0.63 -4.15
C GLN A 12 0.41 -0.06 -5.32
N MET A 13 1.07 -0.03 -6.48
CA MET A 13 0.52 -0.65 -7.68
C MET A 13 0.87 -2.14 -7.73
N LEU A 14 -0.14 -2.98 -7.95
CA LEU A 14 0.06 -4.42 -8.04
C LEU A 14 0.41 -4.84 -9.45
N ARG A 15 0.67 -6.13 -9.64
CA ARG A 15 1.00 -6.67 -10.95
C ARG A 15 -0.12 -6.43 -11.95
N SER A 16 -1.35 -6.40 -11.45
CA SER A 16 -2.51 -6.17 -12.30
C SER A 16 -2.51 -4.77 -12.87
N GLY A 17 -2.02 -3.81 -12.07
CA GLY A 17 -1.98 -2.43 -12.51
C GLY A 17 -2.70 -1.50 -11.56
N GLN A 18 -3.71 -2.01 -10.88
CA GLN A 18 -4.49 -1.23 -9.93
C GLN A 18 -3.67 -0.88 -8.70
N CYS A 19 -3.89 0.32 -8.16
CA CYS A 19 -3.17 0.77 -6.98
C CYS A 19 -4.02 0.57 -5.72
N VAL A 20 -3.64 -0.41 -4.91
CA VAL A 20 -4.36 -0.71 -3.68
C VAL A 20 -3.64 -0.11 -2.47
N ALA A 21 -4.39 0.10 -1.39
CA ALA A 21 -3.82 0.65 -0.17
C ALA A 21 -3.26 -0.44 0.74
N THR A 22 -2.22 -0.10 1.49
CA THR A 22 -1.58 -1.05 2.39
C THR A 22 -2.58 -1.57 3.42
N THR A 23 -3.30 -2.63 3.08
CA THR A 23 -4.29 -3.22 3.97
C THR A 23 -3.71 -4.43 4.69
N GLU A 24 -2.41 -4.41 4.94
CA GLU A 24 -1.73 -5.51 5.63
C GLU A 24 -2.13 -5.56 7.10
N PRO A 25 -2.26 -6.77 7.67
CA PRO A 25 -2.64 -6.94 9.07
C PRO A 25 -1.48 -6.65 10.03
N PRO A 26 -1.56 -5.54 10.79
CA PRO A 26 -0.50 -5.18 11.75
C PRO A 26 -0.51 -6.06 12.98
N PHE A 27 0.68 -6.44 13.44
CA PHE A 27 0.81 -7.29 14.63
C PHE A 27 2.28 -7.49 14.99
N ASP A 28 3.07 -6.43 14.89
CA ASP A 28 4.49 -6.50 15.21
C ASP A 28 4.70 -6.71 16.70
N PRO A 29 4.09 -5.85 17.54
CA PRO A 29 4.22 -5.95 19.00
C PRO A 29 3.87 -7.35 19.52
N ASP A 30 4.32 -7.66 20.73
CA ASP A 30 4.05 -8.96 21.34
C ASP A 30 4.61 -9.03 22.74
N SER A 31 5.94 -9.05 22.83
CA SER A 31 6.62 -9.12 24.13
C SER A 31 8.13 -9.09 23.95
N TYR A 32 8.61 -9.78 22.93
CA TYR A 32 10.04 -9.84 22.64
C TYR A 32 10.30 -9.83 21.14
N SER A 1 -4.32 14.87 -15.36
CA SER A 1 -5.12 13.92 -14.55
C SER A 1 -4.69 13.93 -13.08
N VAL A 2 -5.61 13.60 -12.19
CA VAL A 2 -5.31 13.57 -10.76
C VAL A 2 -4.76 12.21 -10.34
N GLN A 3 -3.70 11.78 -11.01
CA GLN A 3 -3.07 10.50 -10.71
C GLN A 3 -2.59 10.46 -9.26
N ILE A 4 -1.97 9.34 -8.89
CA ILE A 4 -1.46 9.18 -7.53
C ILE A 4 -0.61 7.91 -7.41
N LEU A 5 0.47 7.86 -8.19
CA LEU A 5 1.36 6.72 -8.18
C LEU A 5 1.94 6.48 -6.79
N ARG A 6 1.91 7.50 -5.94
CA ARG A 6 2.44 7.39 -4.58
C ARG A 6 1.52 6.53 -3.73
N CYS A 7 1.96 5.31 -3.45
CA CYS A 7 1.18 4.38 -2.63
C CYS A 7 1.92 4.05 -1.33
N PRO A 8 1.76 4.89 -0.30
CA PRO A 8 2.41 4.69 1.00
C PRO A 8 2.12 3.31 1.58
N ASP A 9 2.65 3.05 2.76
CA ASP A 9 2.45 1.77 3.44
C ASP A 9 0.97 1.45 3.58
N GLY A 10 0.63 0.18 3.38
CA GLY A 10 -0.76 -0.24 3.49
C GLY A 10 -1.44 -0.34 2.13
N MET A 11 -0.94 0.43 1.16
CA MET A 11 -1.50 0.43 -0.18
C MET A 11 -0.40 0.40 -1.23
N GLN A 12 -0.47 -0.58 -2.13
CA GLN A 12 0.53 -0.72 -3.19
C GLN A 12 -0.13 -1.04 -4.52
N MET A 13 0.67 -1.17 -5.56
CA MET A 13 0.17 -1.48 -6.89
C MET A 13 -0.11 -2.98 -7.03
N LEU A 14 -1.24 -3.30 -7.66
CA LEU A 14 -1.61 -4.70 -7.86
C LEU A 14 -1.37 -5.13 -9.31
N ARG A 15 -1.75 -6.36 -9.62
CA ARG A 15 -1.58 -6.91 -10.96
C ARG A 15 -2.31 -6.06 -12.00
N SER A 16 -3.50 -5.59 -11.62
CA SER A 16 -4.31 -4.75 -12.52
C SER A 16 -3.62 -3.43 -12.81
N GLY A 17 -2.86 -2.94 -11.85
CA GLY A 17 -2.15 -1.68 -12.03
C GLY A 17 -2.56 -0.64 -11.00
N GLN A 18 -3.82 -0.68 -10.58
CA GLN A 18 -4.34 0.27 -9.60
C GLN A 18 -3.58 0.13 -8.28
N CYS A 19 -4.12 0.74 -7.23
CA CYS A 19 -3.50 0.69 -5.91
C CYS A 19 -4.46 0.10 -4.87
N VAL A 20 -4.23 -1.16 -4.52
CA VAL A 20 -5.07 -1.84 -3.54
C VAL A 20 -4.40 -1.87 -2.18
N ALA A 21 -5.21 -2.05 -1.14
CA ALA A 21 -4.70 -2.09 0.23
C ALA A 21 -3.91 -3.39 0.47
N THR A 22 -2.59 -3.28 0.41
CA THR A 22 -1.73 -4.44 0.63
C THR A 22 -1.78 -4.89 2.08
N THR A 23 -2.55 -5.95 2.34
CA THR A 23 -2.69 -6.48 3.69
C THR A 23 -1.81 -7.71 3.88
N GLU A 24 -0.69 -7.74 3.16
CA GLU A 24 0.24 -8.86 3.27
C GLU A 24 1.22 -8.66 4.42
N PRO A 25 2.05 -7.61 4.36
CA PRO A 25 3.04 -7.32 5.42
C PRO A 25 2.39 -6.70 6.65
N PRO A 26 3.01 -6.89 7.83
CA PRO A 26 2.50 -6.35 9.09
C PRO A 26 2.63 -4.83 9.17
N PHE A 27 2.27 -4.27 10.31
CA PHE A 27 2.35 -2.82 10.51
C PHE A 27 3.57 -2.46 11.36
N ASP A 28 3.71 -1.17 11.66
CA ASP A 28 4.84 -0.70 12.47
C ASP A 28 4.90 -1.44 13.80
N PRO A 29 3.85 -1.33 14.63
CA PRO A 29 3.79 -1.99 15.94
C PRO A 29 3.62 -3.50 15.81
N ASP A 30 3.32 -4.16 16.93
CA ASP A 30 3.13 -5.60 16.94
C ASP A 30 2.63 -6.07 18.31
N SER A 31 3.20 -5.50 19.36
CA SER A 31 2.82 -5.86 20.73
C SER A 31 3.59 -5.03 21.75
N TYR A 32 4.87 -4.80 21.47
CA TYR A 32 5.72 -4.02 22.36
C TYR A 32 6.71 -3.18 21.56
N SER A 1 2.50 17.48 -8.62
CA SER A 1 1.23 16.79 -9.00
C SER A 1 1.43 15.90 -10.21
N VAL A 2 0.41 15.11 -10.54
CA VAL A 2 0.46 14.21 -11.68
C VAL A 2 1.71 13.33 -11.64
N GLN A 3 1.71 12.36 -10.73
CA GLN A 3 2.83 11.44 -10.59
C GLN A 3 2.63 10.19 -11.43
N ILE A 4 3.48 9.18 -11.20
CA ILE A 4 3.39 7.93 -11.94
C ILE A 4 2.63 6.87 -11.13
N LEU A 5 1.67 7.32 -10.34
CA LEU A 5 0.87 6.42 -9.52
C LEU A 5 -0.20 7.18 -8.73
N ARG A 6 -1.43 7.15 -9.23
CA ARG A 6 -2.53 7.85 -8.57
C ARG A 6 -3.04 7.05 -7.37
N CYS A 7 -2.16 6.84 -6.40
CA CYS A 7 -2.51 6.09 -5.19
C CYS A 7 -1.62 6.51 -4.02
N PRO A 8 -2.02 7.57 -3.28
CA PRO A 8 -1.24 8.06 -2.14
C PRO A 8 -1.01 6.98 -1.10
N ASP A 9 -0.60 7.41 0.10
CA ASP A 9 -0.34 6.48 1.19
C ASP A 9 -1.58 5.67 1.53
N GLY A 10 -1.39 4.39 1.79
CA GLY A 10 -2.51 3.52 2.13
C GLY A 10 -3.16 2.90 0.90
N MET A 11 -2.77 3.36 -0.28
CA MET A 11 -3.32 2.85 -1.52
C MET A 11 -2.22 2.54 -2.53
N GLN A 12 -2.37 1.42 -3.23
CA GLN A 12 -1.38 1.01 -4.23
C GLN A 12 -2.03 0.15 -5.32
N MET A 13 -1.53 0.29 -6.54
CA MET A 13 -2.07 -0.47 -7.67
C MET A 13 -1.45 -1.86 -7.72
N LEU A 14 -2.29 -2.86 -7.99
CA LEU A 14 -1.83 -4.25 -8.07
C LEU A 14 -1.68 -4.68 -9.53
N ARG A 15 -1.33 -5.96 -9.72
CA ARG A 15 -1.15 -6.51 -11.06
C ARG A 15 -2.45 -6.45 -11.84
N SER A 16 -3.57 -6.61 -11.13
CA SER A 16 -4.88 -6.59 -11.77
C SER A 16 -5.18 -5.22 -12.34
N GLY A 17 -4.64 -4.18 -11.73
CA GLY A 17 -4.85 -2.83 -12.20
C GLY A 17 -5.59 -1.96 -11.19
N GLN A 18 -6.41 -2.59 -10.36
CA GLN A 18 -7.17 -1.88 -9.35
C GLN A 18 -6.28 -1.50 -8.16
N CYS A 19 -6.59 -0.37 -7.53
CA CYS A 19 -5.82 0.10 -6.39
C CYS A 19 -6.46 -0.36 -5.08
N VAL A 20 -5.75 -1.25 -4.38
CA VAL A 20 -6.25 -1.77 -3.10
C VAL A 20 -5.59 -1.06 -1.93
N ALA A 21 -6.23 -1.12 -0.78
CA ALA A 21 -5.71 -0.49 0.43
C ALA A 21 -4.45 -1.20 0.92
N THR A 22 -3.29 -0.57 0.70
CA THR A 22 -2.03 -1.13 1.12
C THR A 22 -1.80 -0.90 2.62
N THR A 23 -2.25 -1.85 3.43
CA THR A 23 -2.10 -1.74 4.88
C THR A 23 -1.42 -2.99 5.44
N GLU A 24 -0.37 -3.45 4.77
CA GLU A 24 0.37 -4.62 5.19
C GLU A 24 0.89 -4.45 6.62
N PRO A 25 0.31 -5.20 7.59
CA PRO A 25 0.71 -5.11 9.00
C PRO A 25 2.05 -5.79 9.25
N PRO A 26 2.79 -5.34 10.28
CA PRO A 26 4.09 -5.91 10.62
C PRO A 26 3.96 -7.30 11.26
N PHE A 27 5.07 -7.79 11.83
CA PHE A 27 5.09 -9.10 12.46
C PHE A 27 4.05 -9.17 13.58
N ASP A 28 3.86 -10.37 14.12
CA ASP A 28 2.90 -10.56 15.21
C ASP A 28 3.25 -9.70 16.42
N PRO A 29 4.46 -9.90 16.99
CA PRO A 29 4.91 -9.13 18.16
C PRO A 29 4.66 -7.63 18.00
N ASP A 30 4.86 -6.89 19.08
CA ASP A 30 4.65 -5.44 19.06
C ASP A 30 5.62 -4.74 20.01
N SER A 31 5.38 -4.92 21.31
CA SER A 31 6.23 -4.31 22.33
C SER A 31 5.79 -4.73 23.72
N TYR A 32 6.17 -5.94 24.12
CA TYR A 32 5.81 -6.46 25.43
C TYR A 32 6.85 -6.07 26.48
N SER A 1 -4.29 6.39 -18.39
CA SER A 1 -4.95 7.61 -17.85
C SER A 1 -4.41 7.95 -16.46
N VAL A 2 -3.24 8.58 -16.43
CA VAL A 2 -2.62 8.96 -15.16
C VAL A 2 -3.21 10.26 -14.63
N GLN A 3 -3.24 10.39 -13.31
CA GLN A 3 -3.79 11.59 -12.67
C GLN A 3 -2.78 12.17 -11.67
N ILE A 4 -3.01 13.42 -11.29
CA ILE A 4 -2.14 14.10 -10.34
C ILE A 4 -2.18 13.42 -8.97
N LEU A 5 -3.30 12.79 -8.66
CA LEU A 5 -3.47 12.10 -7.38
C LEU A 5 -2.46 10.97 -7.24
N ARG A 6 -2.75 9.83 -7.87
CA ARG A 6 -1.87 8.68 -7.81
C ARG A 6 -1.65 8.23 -6.37
N CYS A 7 -1.15 7.01 -6.19
CA CYS A 7 -0.91 6.46 -4.87
C CYS A 7 0.41 7.00 -4.29
N PRO A 8 0.33 7.81 -3.23
CA PRO A 8 1.52 8.39 -2.59
C PRO A 8 2.58 7.33 -2.26
N ASP A 9 3.67 7.76 -1.66
CA ASP A 9 4.76 6.86 -1.30
C ASP A 9 4.27 5.76 -0.36
N GLY A 10 4.62 4.52 -0.67
CA GLY A 10 4.20 3.41 0.15
C GLY A 10 3.09 2.60 -0.49
N MET A 11 2.35 3.22 -1.41
CA MET A 11 1.26 2.56 -2.10
C MET A 11 1.59 2.35 -3.58
N GLN A 12 1.72 1.09 -3.98
CA GLN A 12 2.03 0.76 -5.36
C GLN A 12 0.91 -0.06 -5.99
N MET A 13 0.52 0.32 -7.21
CA MET A 13 -0.54 -0.38 -7.93
C MET A 13 -0.02 -1.67 -8.56
N LEU A 14 -0.80 -2.73 -8.47
CA LEU A 14 -0.42 -4.01 -9.04
C LEU A 14 -0.72 -4.06 -10.53
N ARG A 15 -0.33 -5.16 -11.18
CA ARG A 15 -0.56 -5.33 -12.62
C ARG A 15 -2.05 -5.26 -12.94
N SER A 16 -2.88 -5.69 -11.99
CA SER A 16 -4.32 -5.67 -12.17
C SER A 16 -4.86 -4.23 -12.18
N GLY A 17 -4.25 -3.39 -11.36
CA GLY A 17 -4.68 -2.00 -11.29
C GLY A 17 -4.94 -1.55 -9.86
N GLN A 18 -5.31 -2.50 -8.99
CA GLN A 18 -5.58 -2.19 -7.60
C GLN A 18 -4.37 -1.56 -6.93
N CYS A 19 -4.62 -0.64 -6.00
CA CYS A 19 -3.55 0.04 -5.29
C CYS A 19 -3.32 -0.59 -3.92
N VAL A 20 -2.19 -1.28 -3.76
CA VAL A 20 -1.86 -1.93 -2.50
C VAL A 20 -0.88 -1.08 -1.71
N ALA A 21 -1.19 -0.84 -0.43
CA ALA A 21 -0.33 -0.06 0.44
C ALA A 21 0.69 -0.93 1.13
N THR A 22 1.74 -0.31 1.67
CA THR A 22 2.79 -1.04 2.37
C THR A 22 2.47 -1.16 3.86
N THR A 23 1.22 -1.52 4.17
CA THR A 23 0.78 -1.67 5.55
C THR A 23 0.10 -3.02 5.75
N GLU A 24 0.86 -4.09 5.62
CA GLU A 24 0.33 -5.45 5.79
C GLU A 24 -0.46 -5.57 7.09
N PRO A 25 -1.07 -6.75 7.33
CA PRO A 25 -1.87 -6.99 8.54
C PRO A 25 -1.12 -6.60 9.82
N PRO A 26 -1.76 -6.79 10.99
CA PRO A 26 -1.16 -6.45 12.28
C PRO A 26 0.24 -7.04 12.44
N PHE A 27 0.89 -6.71 13.54
CA PHE A 27 2.24 -7.21 13.82
C PHE A 27 2.21 -8.25 14.92
N ASP A 28 3.35 -8.91 15.13
CA ASP A 28 3.46 -9.94 16.14
C ASP A 28 3.12 -9.38 17.53
N PRO A 29 2.54 -10.22 18.41
CA PRO A 29 2.17 -9.80 19.77
C PRO A 29 3.38 -9.52 20.64
N ASP A 30 4.33 -10.46 20.63
CA ASP A 30 5.56 -10.34 21.41
C ASP A 30 5.27 -9.84 22.82
N SER A 31 4.11 -10.21 23.35
CA SER A 31 3.71 -9.79 24.69
C SER A 31 3.53 -8.28 24.76
N TYR A 32 4.64 -7.56 24.86
CA TYR A 32 4.59 -6.10 24.92
C TYR A 32 5.88 -5.50 24.38
N SER A 1 1.10 11.40 -17.18
CA SER A 1 -0.37 11.53 -16.99
C SER A 1 -0.71 11.93 -15.55
N VAL A 2 -1.65 12.85 -15.41
CA VAL A 2 -2.07 13.31 -14.08
C VAL A 2 -2.93 12.26 -13.38
N GLN A 3 -2.48 11.79 -12.24
CA GLN A 3 -3.20 10.79 -11.46
C GLN A 3 -4.20 11.44 -10.52
N ILE A 4 -5.08 10.64 -9.94
CA ILE A 4 -6.09 11.14 -9.02
C ILE A 4 -5.61 11.02 -7.57
N LEU A 5 -4.73 10.07 -7.32
CA LEU A 5 -4.20 9.84 -5.98
C LEU A 5 -2.95 8.97 -6.03
N ARG A 6 -1.78 9.61 -6.05
CA ARG A 6 -0.51 8.89 -6.10
C ARG A 6 -0.44 7.83 -5.01
N CYS A 7 0.63 7.03 -5.04
CA CYS A 7 0.81 5.98 -4.04
C CYS A 7 2.17 6.10 -3.36
N PRO A 8 2.32 7.08 -2.45
CA PRO A 8 3.58 7.31 -1.73
C PRO A 8 4.06 6.06 -1.00
N ASP A 9 5.15 6.20 -0.26
CA ASP A 9 5.72 5.09 0.50
C ASP A 9 4.68 4.48 1.43
N GLY A 10 4.29 3.24 1.13
CA GLY A 10 3.30 2.56 1.95
C GLY A 10 2.25 1.85 1.13
N MET A 11 1.99 2.35 -0.07
CA MET A 11 1.01 1.76 -0.96
C MET A 11 1.59 1.54 -2.35
N GLN A 12 1.28 0.39 -2.95
CA GLN A 12 1.77 0.06 -4.28
C GLN A 12 0.65 -0.43 -5.18
N MET A 13 0.69 -0.03 -6.45
CA MET A 13 -0.33 -0.43 -7.41
C MET A 13 -0.10 -1.87 -7.88
N LEU A 14 -1.20 -2.61 -8.00
CA LEU A 14 -1.12 -4.00 -8.44
C LEU A 14 -1.44 -4.13 -9.92
N ARG A 15 -1.31 -5.34 -10.45
CA ARG A 15 -1.59 -5.59 -11.86
C ARG A 15 -3.02 -5.22 -12.22
N SER A 16 -3.91 -5.36 -11.25
CA SER A 16 -5.32 -5.03 -11.46
C SER A 16 -5.52 -3.52 -11.58
N GLY A 17 -4.72 -2.76 -10.83
CA GLY A 17 -4.83 -1.31 -10.87
C GLY A 17 -4.94 -0.70 -9.49
N GLN A 18 -5.56 -1.43 -8.57
CA GLN A 18 -5.73 -0.95 -7.21
C GLN A 18 -4.38 -0.77 -6.52
N CYS A 19 -4.38 -0.01 -5.42
CA CYS A 19 -3.16 0.24 -4.68
C CYS A 19 -3.26 -0.32 -3.26
N VAL A 20 -2.59 -1.45 -3.02
CA VAL A 20 -2.61 -2.09 -1.71
C VAL A 20 -1.35 -1.76 -0.92
N ALA A 21 -1.43 -1.88 0.39
CA ALA A 21 -0.28 -1.60 1.26
C ALA A 21 0.81 -2.65 1.07
N THR A 22 2.06 -2.17 1.00
CA THR A 22 3.20 -3.07 0.82
C THR A 22 3.76 -3.52 2.16
N THR A 23 2.87 -3.94 3.06
CA THR A 23 3.28 -4.41 4.37
C THR A 23 2.20 -5.27 5.00
N GLU A 24 1.62 -6.16 4.21
CA GLU A 24 0.56 -7.04 4.70
C GLU A 24 1.16 -8.23 5.46
N PRO A 25 2.11 -8.96 4.85
CA PRO A 25 2.74 -10.11 5.49
C PRO A 25 3.41 -9.76 6.82
N PRO A 26 4.20 -8.67 6.84
CA PRO A 26 4.89 -8.23 8.06
C PRO A 26 3.99 -7.39 8.96
N PHE A 27 4.60 -6.74 9.95
CA PHE A 27 3.86 -5.90 10.88
C PHE A 27 2.78 -6.72 11.61
N ASP A 28 3.01 -6.97 12.90
CA ASP A 28 2.06 -7.73 13.70
C ASP A 28 1.54 -6.88 14.86
N PRO A 29 0.56 -7.40 15.63
CA PRO A 29 -0.02 -6.70 16.76
C PRO A 29 1.03 -6.19 17.73
N ASP A 30 0.58 -5.62 18.85
CA ASP A 30 1.50 -5.10 19.87
C ASP A 30 1.41 -5.92 21.15
N SER A 31 0.37 -5.65 21.95
CA SER A 31 0.18 -6.36 23.21
C SER A 31 1.32 -6.08 24.19
N TYR A 32 2.43 -6.76 23.99
CA TYR A 32 3.60 -6.59 24.85
C TYR A 32 4.14 -5.16 24.75
N SER A 1 1.27 17.35 -9.09
CA SER A 1 0.34 16.95 -10.17
C SER A 1 -0.85 16.17 -9.61
N VAL A 2 -2.03 16.41 -10.17
CA VAL A 2 -3.24 15.73 -9.73
C VAL A 2 -3.26 14.28 -10.18
N GLN A 3 -2.31 13.50 -9.68
CA GLN A 3 -2.22 12.09 -10.04
C GLN A 3 -3.31 11.27 -9.35
N ILE A 4 -4.29 10.81 -10.12
CA ILE A 4 -5.38 10.02 -9.59
C ILE A 4 -5.33 8.58 -10.11
N LEU A 5 -4.12 8.08 -10.33
CA LEU A 5 -3.92 6.73 -10.82
C LEU A 5 -2.73 6.06 -10.13
N ARG A 6 -1.62 6.79 -10.04
CA ARG A 6 -0.41 6.27 -9.41
C ARG A 6 -0.64 6.01 -7.93
N CYS A 7 0.11 5.07 -7.37
CA CYS A 7 0.00 4.73 -5.96
C CYS A 7 1.32 4.94 -5.23
N PRO A 8 1.63 6.19 -4.85
CA PRO A 8 2.87 6.53 -4.15
C PRO A 8 3.05 5.73 -2.87
N ASP A 9 3.92 6.22 -1.99
CA ASP A 9 4.18 5.56 -0.71
C ASP A 9 2.88 5.34 0.06
N GLY A 10 2.65 4.09 0.48
CA GLY A 10 1.45 3.76 1.22
C GLY A 10 0.56 2.79 0.48
N MET A 11 0.63 2.81 -0.85
CA MET A 11 -0.18 1.93 -1.68
C MET A 11 0.67 1.28 -2.77
N GLN A 12 0.99 0.00 -2.59
CA GLN A 12 1.79 -0.73 -3.57
C GLN A 12 0.90 -1.46 -4.56
N MET A 13 1.12 -1.20 -5.85
CA MET A 13 0.35 -1.83 -6.91
C MET A 13 0.62 -3.34 -6.96
N LEU A 14 -0.32 -4.08 -7.54
CA LEU A 14 -0.17 -5.53 -7.64
C LEU A 14 -0.27 -5.98 -9.10
N ARG A 15 -0.16 -7.28 -9.33
CA ARG A 15 -0.23 -7.83 -10.67
C ARG A 15 -1.58 -7.51 -11.33
N SER A 16 -2.62 -7.44 -10.49
CA SER A 16 -3.97 -7.14 -10.99
C SER A 16 -4.06 -5.70 -11.46
N GLY A 17 -3.31 -4.81 -10.81
CA GLY A 17 -3.33 -3.41 -11.17
C GLY A 17 -3.64 -2.51 -10.00
N GLN A 18 -4.46 -3.01 -9.07
CA GLN A 18 -4.83 -2.25 -7.89
C GLN A 18 -3.70 -2.23 -6.87
N CYS A 19 -3.68 -1.20 -6.03
CA CYS A 19 -2.64 -1.07 -5.01
C CYS A 19 -3.24 -1.18 -3.61
N VAL A 20 -2.64 -2.02 -2.77
CA VAL A 20 -3.12 -2.22 -1.41
C VAL A 20 -2.28 -1.42 -0.42
N ALA A 21 -2.86 -1.15 0.75
CA ALA A 21 -2.17 -0.39 1.79
C ALA A 21 -0.94 -1.15 2.29
N THR A 22 0.24 -0.69 1.88
CA THR A 22 1.49 -1.31 2.30
C THR A 22 2.04 -0.67 3.58
N THR A 23 1.13 -0.33 4.49
CA THR A 23 1.51 0.28 5.75
C THR A 23 0.41 0.13 6.80
N GLU A 24 0.22 -1.09 7.27
CA GLU A 24 -0.80 -1.39 8.26
C GLU A 24 -0.20 -1.47 9.66
N PRO A 25 -0.41 -0.44 10.51
CA PRO A 25 0.11 -0.41 11.88
C PRO A 25 -0.26 -1.67 12.67
N PRO A 26 -1.53 -2.09 12.63
CA PRO A 26 -1.99 -3.28 13.36
C PRO A 26 -1.59 -4.57 12.66
N PHE A 27 -1.30 -5.61 13.44
CA PHE A 27 -0.91 -6.89 12.90
C PHE A 27 -0.70 -7.91 14.02
N ASP A 28 -0.35 -9.14 13.64
CA ASP A 28 -0.12 -10.20 14.61
C ASP A 28 1.31 -10.71 14.53
N PRO A 29 2.30 -9.84 14.83
CA PRO A 29 3.71 -10.20 14.79
C PRO A 29 4.10 -11.15 15.93
N ASP A 30 5.41 -11.34 16.12
CA ASP A 30 5.91 -12.22 17.17
C ASP A 30 6.79 -11.44 18.14
N SER A 31 6.50 -10.16 18.31
CA SER A 31 7.26 -9.31 19.22
C SER A 31 6.88 -9.57 20.67
N TYR A 32 7.36 -8.72 21.57
CA TYR A 32 7.07 -8.87 22.99
C TYR A 32 5.66 -8.39 23.31
N SER A 1 2.17 17.35 -15.18
CA SER A 1 2.85 16.62 -14.08
C SER A 1 1.87 16.23 -12.98
N VAL A 2 0.66 15.87 -13.38
CA VAL A 2 -0.38 15.48 -12.43
C VAL A 2 -0.27 13.99 -12.10
N GLN A 3 -0.16 13.69 -10.81
CA GLN A 3 -0.06 12.30 -10.37
C GLN A 3 -1.38 11.56 -10.56
N ILE A 4 -1.33 10.41 -11.23
CA ILE A 4 -2.53 9.61 -11.47
C ILE A 4 -2.50 8.32 -10.65
N LEU A 5 -1.31 7.89 -10.27
CA LEU A 5 -1.17 6.67 -9.47
C LEU A 5 -1.89 6.79 -8.14
N ARG A 6 -1.70 7.93 -7.48
CA ARG A 6 -2.34 8.18 -6.20
C ARG A 6 -2.00 7.09 -5.18
N CYS A 7 -0.70 6.87 -4.98
CA CYS A 7 -0.23 5.85 -4.04
C CYS A 7 1.12 6.23 -3.47
N PRO A 8 1.13 7.06 -2.40
CA PRO A 8 2.37 7.50 -1.75
C PRO A 8 3.27 6.32 -1.37
N ASP A 9 4.41 6.63 -0.77
CA ASP A 9 5.36 5.60 -0.35
C ASP A 9 4.71 4.63 0.64
N GLY A 10 4.60 3.37 0.24
CA GLY A 10 4.00 2.37 1.10
C GLY A 10 2.87 1.62 0.43
N MET A 11 2.21 2.29 -0.51
CA MET A 11 1.11 1.68 -1.24
C MET A 11 1.46 1.49 -2.71
N GLN A 12 1.22 0.27 -3.22
CA GLN A 12 1.52 -0.05 -4.61
C GLN A 12 0.28 -0.59 -5.31
N MET A 13 0.13 -0.25 -6.59
CA MET A 13 -1.00 -0.71 -7.38
C MET A 13 -0.77 -2.12 -7.91
N LEU A 14 -1.84 -2.89 -8.04
CA LEU A 14 -1.75 -4.25 -8.53
C LEU A 14 -2.31 -4.36 -9.95
N ARG A 15 -2.26 -5.57 -10.50
CA ARG A 15 -2.76 -5.81 -11.85
C ARG A 15 -4.24 -5.45 -11.97
N SER A 16 -4.98 -5.69 -10.88
CA SER A 16 -6.41 -5.39 -10.87
C SER A 16 -6.65 -3.89 -11.00
N GLY A 17 -5.71 -3.10 -10.50
CA GLY A 17 -5.85 -1.66 -10.58
C GLY A 17 -5.86 -1.01 -9.20
N GLN A 18 -6.33 -1.73 -8.20
CA GLN A 18 -6.40 -1.23 -6.84
C GLN A 18 -5.00 -1.00 -6.27
N CYS A 19 -4.94 -0.37 -5.10
CA CYS A 19 -3.66 -0.10 -4.45
C CYS A 19 -3.65 -0.67 -3.03
N VAL A 20 -2.80 -1.68 -2.82
CA VAL A 20 -2.69 -2.31 -1.51
C VAL A 20 -1.47 -1.80 -0.76
N ALA A 21 -1.65 -1.54 0.54
CA ALA A 21 -0.57 -1.05 1.37
C ALA A 21 0.26 -2.19 1.95
N THR A 22 1.57 -2.13 1.76
CA THR A 22 2.46 -3.17 2.27
C THR A 22 2.46 -3.19 3.80
N THR A 23 1.70 -4.13 4.37
CA THR A 23 1.61 -4.27 5.81
C THR A 23 1.60 -5.74 6.22
N GLU A 24 2.28 -6.57 5.43
CA GLU A 24 2.34 -8.00 5.71
C GLU A 24 3.24 -8.28 6.91
N PRO A 25 4.55 -8.00 6.80
CA PRO A 25 5.51 -8.22 7.89
C PRO A 25 4.97 -7.80 9.25
N PRO A 26 4.56 -6.53 9.42
CA PRO A 26 4.03 -6.02 10.68
C PRO A 26 2.68 -6.65 11.04
N PHE A 27 2.04 -6.12 12.07
CA PHE A 27 0.75 -6.64 12.50
C PHE A 27 -0.16 -5.49 12.95
N ASP A 28 -1.33 -5.84 13.48
CA ASP A 28 -2.29 -4.85 13.93
C ASP A 28 -1.77 -4.11 15.16
N PRO A 29 -1.55 -4.83 16.28
CA PRO A 29 -1.05 -4.23 17.52
C PRO A 29 0.32 -3.57 17.34
N ASP A 30 1.36 -4.39 17.26
CA ASP A 30 2.72 -3.89 17.09
C ASP A 30 3.71 -5.04 16.98
N SER A 31 3.94 -5.72 18.09
CA SER A 31 4.86 -6.84 18.13
C SER A 31 4.88 -7.50 19.51
N TYR A 32 5.57 -6.86 20.45
CA TYR A 32 5.66 -7.38 21.81
C TYR A 32 4.43 -6.99 22.63
N SER A 1 3.76 2.14 -15.35
CA SER A 1 4.30 3.51 -15.18
C SER A 1 3.20 4.56 -15.30
N VAL A 2 2.00 4.21 -14.85
CA VAL A 2 0.87 5.13 -14.91
C VAL A 2 1.06 6.30 -13.96
N GLN A 3 0.34 7.38 -14.22
CA GLN A 3 0.43 8.58 -13.39
C GLN A 3 0.18 8.26 -11.92
N ILE A 4 0.18 9.28 -11.08
CA ILE A 4 -0.04 9.10 -9.65
C ILE A 4 -0.86 10.26 -9.07
N LEU A 5 -2.06 10.46 -9.62
CA LEU A 5 -2.93 11.53 -9.17
C LEU A 5 -3.41 11.31 -7.73
N ARG A 6 -3.21 10.10 -7.22
CA ARG A 6 -3.63 9.79 -5.84
C ARG A 6 -3.17 8.39 -5.44
N CYS A 7 -2.15 8.33 -4.58
CA CYS A 7 -1.62 7.06 -4.11
C CYS A 7 -0.84 7.25 -2.81
N PRO A 8 -1.53 7.73 -1.75
CA PRO A 8 -0.91 7.96 -0.44
C PRO A 8 -0.13 6.75 0.05
N ASP A 9 0.46 6.87 1.24
CA ASP A 9 1.23 5.78 1.84
C ASP A 9 0.36 4.55 2.05
N GLY A 10 0.82 3.41 1.55
CA GLY A 10 0.06 2.18 1.69
C GLY A 10 -0.60 1.75 0.40
N MET A 11 -0.91 2.72 -0.45
CA MET A 11 -1.55 2.44 -1.73
C MET A 11 -0.50 2.33 -2.83
N GLN A 12 -0.11 1.09 -3.14
CA GLN A 12 0.88 0.85 -4.19
C GLN A 12 0.20 0.56 -5.52
N MET A 13 0.85 0.96 -6.61
CA MET A 13 0.32 0.74 -7.94
C MET A 13 0.31 -0.75 -8.29
N LEU A 14 -0.59 -1.13 -9.18
CA LEU A 14 -0.70 -2.53 -9.61
C LEU A 14 -0.19 -2.71 -11.03
N ARG A 15 -0.09 -3.96 -11.46
CA ARG A 15 0.39 -4.28 -12.80
C ARG A 15 -0.51 -3.61 -13.86
N SER A 16 -1.79 -3.47 -13.54
CA SER A 16 -2.74 -2.86 -14.45
C SER A 16 -2.59 -1.34 -14.44
N GLY A 17 -2.20 -0.80 -13.30
CA GLY A 17 -2.04 0.64 -13.18
C GLY A 17 -2.75 1.21 -11.97
N GLN A 18 -3.82 0.55 -11.55
CA GLN A 18 -4.60 1.00 -10.39
C GLN A 18 -3.72 1.09 -9.15
N CYS A 19 -4.31 1.58 -8.06
CA CYS A 19 -3.58 1.72 -6.80
C CYS A 19 -4.23 0.87 -5.71
N VAL A 20 -3.62 -0.28 -5.43
CA VAL A 20 -4.14 -1.17 -4.40
C VAL A 20 -3.74 -0.71 -3.01
N ALA A 21 -4.70 -0.72 -2.09
CA ALA A 21 -4.45 -0.29 -0.72
C ALA A 21 -3.77 -1.40 0.09
N THR A 22 -2.46 -1.55 -0.10
CA THR A 22 -1.70 -2.57 0.62
C THR A 22 -1.33 -2.09 2.01
N THR A 23 -2.25 -2.23 2.96
CA THR A 23 -2.02 -1.81 4.33
C THR A 23 -1.45 -2.96 5.16
N GLU A 24 -0.29 -3.47 4.74
CA GLU A 24 0.36 -4.57 5.44
C GLU A 24 1.48 -4.05 6.34
N PRO A 25 1.19 -3.81 7.64
CA PRO A 25 2.18 -3.31 8.59
C PRO A 25 3.27 -4.35 8.88
N PRO A 26 4.33 -3.94 9.60
CA PRO A 26 5.44 -4.83 9.94
C PRO A 26 5.03 -5.91 10.95
N PHE A 27 6.01 -6.61 11.48
CA PHE A 27 5.75 -7.67 12.45
C PHE A 27 5.05 -7.11 13.69
N ASP A 28 4.12 -7.89 14.24
CA ASP A 28 3.37 -7.47 15.42
C ASP A 28 4.30 -7.17 16.58
N PRO A 29 3.87 -6.33 17.53
CA PRO A 29 4.67 -5.95 18.69
C PRO A 29 4.75 -7.07 19.72
N ASP A 30 5.84 -7.82 19.70
CA ASP A 30 6.05 -8.92 20.63
C ASP A 30 6.88 -8.47 21.83
N SER A 31 6.35 -7.51 22.59
CA SER A 31 7.04 -7.00 23.76
C SER A 31 6.54 -7.66 25.04
N TYR A 32 6.14 -8.92 24.92
CA TYR A 32 5.65 -9.68 26.07
C TYR A 32 4.45 -8.96 26.71
N SER A 1 2.82 10.22 -13.98
CA SER A 1 1.48 10.81 -14.22
C SER A 1 1.15 11.86 -13.17
N VAL A 2 -0.08 12.36 -13.21
CA VAL A 2 -0.52 13.38 -12.26
C VAL A 2 -1.99 13.20 -11.91
N GLN A 3 -2.45 11.94 -11.91
CA GLN A 3 -3.83 11.63 -11.59
C GLN A 3 -4.20 12.11 -10.19
N ILE A 4 -5.38 11.70 -9.72
CA ILE A 4 -5.84 12.09 -8.39
C ILE A 4 -5.93 10.89 -7.47
N LEU A 5 -5.03 9.92 -7.68
CA LEU A 5 -5.00 8.72 -6.86
C LEU A 5 -3.62 8.06 -6.92
N ARG A 6 -2.58 8.86 -6.77
CA ARG A 6 -1.21 8.35 -6.81
C ARG A 6 -1.00 7.29 -5.73
N CYS A 7 0.25 6.84 -5.59
CA CYS A 7 0.58 5.83 -4.60
C CYS A 7 1.87 6.18 -3.86
N PRO A 8 1.85 7.27 -3.05
CA PRO A 8 3.01 7.71 -2.29
C PRO A 8 3.31 6.79 -1.11
N ASP A 9 4.01 7.32 -0.11
CA ASP A 9 4.36 6.54 1.07
C ASP A 9 3.10 6.06 1.79
N GLY A 10 2.61 4.90 1.39
CA GLY A 10 1.41 4.35 2.00
C GLY A 10 0.66 3.41 1.07
N MET A 11 0.85 3.59 -0.23
CA MET A 11 0.20 2.75 -1.23
C MET A 11 1.17 2.36 -2.34
N GLN A 12 1.14 1.10 -2.73
CA GLN A 12 2.02 0.59 -3.78
C GLN A 12 1.21 0.17 -5.01
N MET A 13 1.85 -0.58 -5.89
CA MET A 13 1.18 -1.05 -7.11
C MET A 13 0.72 -2.50 -6.95
N LEU A 14 -0.44 -2.82 -7.52
CA LEU A 14 -0.98 -4.16 -7.45
C LEU A 14 -0.31 -5.08 -8.48
N ARG A 15 -0.50 -6.38 -8.30
CA ARG A 15 0.09 -7.36 -9.21
C ARG A 15 -0.34 -7.08 -10.65
N SER A 16 -1.48 -6.41 -10.82
CA SER A 16 -2.00 -6.07 -12.14
C SER A 16 -1.53 -4.68 -12.56
N GLY A 17 -1.35 -3.80 -11.59
CA GLY A 17 -0.91 -2.45 -11.88
C GLY A 17 -1.65 -1.40 -11.07
N GLN A 18 -2.84 -1.75 -10.59
CA GLN A 18 -3.65 -0.83 -9.80
C GLN A 18 -2.87 -0.31 -8.59
N CYS A 19 -3.56 0.40 -7.71
CA CYS A 19 -2.91 0.96 -6.51
C CYS A 19 -3.36 0.21 -5.26
N VAL A 20 -2.41 -0.42 -4.59
CA VAL A 20 -2.69 -1.17 -3.36
C VAL A 20 -2.32 -0.35 -2.13
N ALA A 21 -2.91 -0.72 -0.99
CA ALA A 21 -2.64 -0.03 0.26
C ALA A 21 -1.63 -0.81 1.10
N THR A 22 -0.74 -0.09 1.78
CA THR A 22 0.27 -0.70 2.61
C THR A 22 -0.37 -1.57 3.70
N THR A 23 -0.57 -2.84 3.40
CA THR A 23 -1.18 -3.77 4.35
C THR A 23 -0.66 -5.19 4.13
N GLU A 24 0.58 -5.29 3.66
CA GLU A 24 1.19 -6.59 3.41
C GLU A 24 1.63 -7.25 4.72
N PRO A 25 2.54 -6.62 5.47
CA PRO A 25 3.03 -7.16 6.74
C PRO A 25 2.00 -7.06 7.86
N PRO A 26 1.44 -8.19 8.30
CA PRO A 26 0.44 -8.22 9.37
C PRO A 26 1.02 -7.82 10.72
N PHE A 27 0.26 -8.06 11.78
CA PHE A 27 0.70 -7.72 13.13
C PHE A 27 1.89 -8.58 13.54
N ASP A 28 3.06 -8.26 13.01
CA ASP A 28 4.28 -8.99 13.31
C ASP A 28 4.58 -8.95 14.81
N PRO A 29 4.44 -10.09 15.51
CA PRO A 29 4.70 -10.17 16.95
C PRO A 29 6.05 -9.57 17.34
N ASP A 30 6.05 -8.28 17.67
CA ASP A 30 7.26 -7.59 18.05
C ASP A 30 7.55 -7.76 19.55
N SER A 31 6.48 -7.76 20.34
CA SER A 31 6.61 -7.92 21.78
C SER A 31 5.23 -7.93 22.45
N TYR A 32 4.64 -6.76 22.58
CA TYR A 32 3.32 -6.63 23.20
C TYR A 32 2.57 -5.44 22.63
N SER A 1 1.14 13.14 -15.83
CA SER A 1 0.67 14.15 -14.85
C SER A 1 0.16 13.48 -13.57
N VAL A 2 -0.34 14.30 -12.65
CA VAL A 2 -0.85 13.79 -11.38
C VAL A 2 -2.23 13.15 -11.56
N GLN A 3 -2.27 11.83 -11.43
CA GLN A 3 -3.52 11.09 -11.59
C GLN A 3 -4.21 10.90 -10.24
N ILE A 4 -5.31 10.16 -10.24
CA ILE A 4 -6.06 9.91 -9.02
C ILE A 4 -5.81 8.49 -8.51
N LEU A 5 -4.61 7.97 -8.77
CA LEU A 5 -4.25 6.63 -8.34
C LEU A 5 -2.74 6.47 -8.29
N ARG A 6 -2.04 7.56 -7.99
CA ARG A 6 -0.58 7.54 -7.91
C ARG A 6 -0.11 6.56 -6.85
N CYS A 7 1.20 6.53 -6.61
CA CYS A 7 1.77 5.62 -5.62
C CYS A 7 2.54 6.39 -4.55
N PRO A 8 1.82 7.01 -3.59
CA PRO A 8 2.45 7.78 -2.51
C PRO A 8 3.28 6.90 -1.59
N ASP A 9 3.94 7.53 -0.63
CA ASP A 9 4.78 6.81 0.33
C ASP A 9 3.92 5.96 1.26
N GLY A 10 3.52 4.79 0.79
CA GLY A 10 2.70 3.90 1.59
C GLY A 10 1.82 2.99 0.76
N MET A 11 1.58 3.38 -0.49
CA MET A 11 0.75 2.59 -1.39
C MET A 11 1.63 1.78 -2.35
N GLN A 12 1.50 0.47 -2.28
CA GLN A 12 2.28 -0.41 -3.14
C GLN A 12 1.45 -0.92 -4.31
N MET A 13 2.11 -1.18 -5.43
CA MET A 13 1.42 -1.68 -6.62
C MET A 13 0.83 -3.06 -6.38
N LEU A 14 -0.23 -3.38 -7.12
CA LEU A 14 -0.90 -4.66 -6.97
C LEU A 14 -0.90 -5.43 -8.29
N ARG A 15 -1.55 -6.59 -8.29
CA ARG A 15 -1.63 -7.43 -9.49
C ARG A 15 -2.31 -6.68 -10.64
N SER A 16 -3.36 -5.94 -10.32
CA SER A 16 -4.10 -5.19 -11.32
C SER A 16 -3.20 -4.16 -12.00
N GLY A 17 -2.23 -3.65 -11.25
CA GLY A 17 -1.30 -2.67 -11.80
C GLY A 17 -1.33 -1.37 -11.01
N GLN A 18 -2.51 -0.99 -10.52
CA GLN A 18 -2.66 0.23 -9.75
C GLN A 18 -1.86 0.15 -8.46
N CYS A 19 -2.12 1.08 -7.54
CA CYS A 19 -1.42 1.11 -6.26
C CYS A 19 -2.41 1.13 -5.10
N VAL A 20 -2.36 0.08 -4.28
CA VAL A 20 -3.26 -0.02 -3.13
C VAL A 20 -2.55 0.37 -1.84
N ALA A 21 -3.32 0.79 -0.85
CA ALA A 21 -2.76 1.20 0.44
C ALA A 21 -2.20 -0.01 1.20
N THR A 22 -1.01 0.17 1.75
CA THR A 22 -0.35 -0.91 2.51
C THR A 22 -1.12 -1.21 3.79
N THR A 23 -1.92 -2.27 3.76
CA THR A 23 -2.71 -2.66 4.92
C THR A 23 -2.11 -3.90 5.59
N GLU A 24 -0.78 -4.02 5.48
CA GLU A 24 -0.08 -5.14 6.08
C GLU A 24 0.20 -4.89 7.55
N PRO A 25 0.24 -5.96 8.37
CA PRO A 25 0.50 -5.86 9.81
C PRO A 25 1.96 -5.53 10.11
N PRO A 26 2.24 -4.32 10.63
CA PRO A 26 3.61 -3.90 10.95
C PRO A 26 4.32 -4.91 11.86
N PHE A 27 5.52 -4.55 12.31
CA PHE A 27 6.30 -5.42 13.17
C PHE A 27 6.14 -5.01 14.64
N ASP A 28 4.99 -4.45 14.97
CA ASP A 28 4.71 -4.02 16.33
C ASP A 28 4.07 -5.14 17.16
N PRO A 29 2.88 -5.61 16.75
CA PRO A 29 2.18 -6.68 17.47
C PRO A 29 2.76 -8.06 17.14
N ASP A 30 2.32 -9.06 17.89
CA ASP A 30 2.81 -10.43 17.71
C ASP A 30 2.11 -11.39 18.66
N SER A 31 2.31 -11.16 19.95
CA SER A 31 1.71 -12.01 20.98
C SER A 31 2.05 -11.50 22.37
N TYR A 32 3.29 -11.04 22.54
CA TYR A 32 3.74 -10.53 23.83
C TYR A 32 3.12 -9.18 24.12
N SER A 1 4.15 8.35 -15.11
CA SER A 1 2.71 8.68 -15.24
C SER A 1 1.90 8.08 -14.09
N VAL A 2 2.04 8.67 -12.91
CA VAL A 2 1.32 8.21 -11.73
C VAL A 2 -0.18 8.34 -11.90
N GLN A 3 -0.90 7.25 -11.67
CA GLN A 3 -2.36 7.24 -11.80
C GLN A 3 -2.99 8.25 -10.85
N ILE A 4 -4.32 8.31 -10.85
CA ILE A 4 -5.05 9.23 -9.99
C ILE A 4 -5.65 8.51 -8.79
N LEU A 5 -4.98 7.45 -8.35
CA LEU A 5 -5.45 6.67 -7.21
C LEU A 5 -4.31 5.87 -6.59
N ARG A 6 -3.09 6.39 -6.71
CA ARG A 6 -1.91 5.72 -6.16
C ARG A 6 -2.07 5.50 -4.66
N CYS A 7 -1.26 4.59 -4.11
CA CYS A 7 -1.30 4.28 -2.69
C CYS A 7 -0.24 5.10 -1.93
N PRO A 8 -0.49 5.35 -0.64
CA PRO A 8 0.42 6.12 0.21
C PRO A 8 1.87 5.61 0.12
N ASP A 9 2.76 6.27 0.86
CA ASP A 9 4.16 5.88 0.88
C ASP A 9 4.34 4.45 1.37
N GLY A 10 5.17 3.69 0.70
CA GLY A 10 5.41 2.31 1.08
C GLY A 10 4.49 1.34 0.36
N MET A 11 3.55 1.88 -0.41
CA MET A 11 2.62 1.05 -1.16
C MET A 11 2.85 1.17 -2.66
N GLN A 12 2.94 0.03 -3.33
CA GLN A 12 3.18 0.01 -4.77
C GLN A 12 1.94 -0.46 -5.52
N MET A 13 1.09 0.48 -5.92
CA MET A 13 -0.14 0.17 -6.64
C MET A 13 0.13 0.08 -8.14
N LEU A 14 -0.73 -0.66 -8.85
CA LEU A 14 -0.58 -0.83 -10.29
C LEU A 14 -1.77 -0.23 -11.02
N ARG A 15 -1.59 0.03 -12.32
CA ARG A 15 -2.66 0.60 -13.14
C ARG A 15 -3.91 -0.26 -13.08
N SER A 16 -3.72 -1.57 -12.91
CA SER A 16 -4.83 -2.50 -12.83
C SER A 16 -5.76 -2.15 -11.67
N GLY A 17 -5.16 -1.67 -10.58
CA GLY A 17 -5.95 -1.30 -9.41
C GLY A 17 -5.40 -1.91 -8.13
N GLN A 18 -4.72 -3.04 -8.26
CA GLN A 18 -4.14 -3.72 -7.11
C GLN A 18 -3.15 -2.81 -6.38
N CYS A 19 -3.10 -2.92 -5.06
CA CYS A 19 -2.21 -2.11 -4.25
C CYS A 19 -1.24 -2.99 -3.47
N VAL A 20 0.04 -2.91 -3.83
CA VAL A 20 1.07 -3.69 -3.17
C VAL A 20 1.57 -2.99 -1.90
N ALA A 21 0.64 -2.70 -0.99
CA ALA A 21 0.97 -2.04 0.26
C ALA A 21 1.91 -2.89 1.10
N THR A 22 3.03 -2.31 1.52
CA THR A 22 4.01 -3.01 2.34
C THR A 22 3.71 -2.83 3.82
N THR A 23 2.45 -2.61 4.16
CA THR A 23 2.03 -2.42 5.54
C THR A 23 0.53 -2.66 5.69
N GLU A 24 0.02 -3.61 4.93
CA GLU A 24 -1.41 -3.94 4.96
C GLU A 24 -1.86 -4.31 6.37
N PRO A 25 -1.28 -5.37 6.96
CA PRO A 25 -1.63 -5.80 8.32
C PRO A 25 -1.13 -4.84 9.39
N PRO A 26 -2.05 -4.13 10.07
CA PRO A 26 -1.70 -3.18 11.12
C PRO A 26 -1.35 -3.88 12.43
N PHE A 27 -0.21 -3.51 13.02
CA PHE A 27 0.23 -4.10 14.26
C PHE A 27 1.16 -3.16 15.02
N ASP A 28 0.60 -2.42 15.98
CA ASP A 28 1.38 -1.48 16.78
C ASP A 28 2.48 -2.21 17.55
N PRO A 29 2.11 -3.26 18.32
CA PRO A 29 3.07 -4.03 19.11
C PRO A 29 4.24 -4.53 18.27
N ASP A 30 5.28 -3.72 18.19
CA ASP A 30 6.47 -4.07 17.41
C ASP A 30 7.57 -4.62 18.33
N SER A 31 7.16 -5.36 19.36
CA SER A 31 8.11 -5.94 20.30
C SER A 31 7.46 -7.07 21.10
N TYR A 32 6.58 -7.82 20.45
CA TYR A 32 5.88 -8.92 21.10
C TYR A 32 5.10 -8.43 22.32
#